data_8HS7
#
_entry.id   8HS7
#
_cell.length_a   68.689
_cell.length_b   68.689
_cell.length_c   56.374
_cell.angle_alpha   90.000
_cell.angle_beta   90.000
_cell.angle_gamma   120.000
#
_symmetry.space_group_name_H-M   'P 32 2 1'
#
loop_
_entity.id
_entity.type
_entity.pdbx_description
1 polymer 'Vesicle-associated membrane protein-associated protein SCS2'
2 non-polymer '{[-(BIS-CARBOXYMETHYL-AMINO)-ETHYL]-CARBOXYMETHYL-AMINO}-ACETIC ACID'
3 water water
#
_entity_poly.entity_id   1
_entity_poly.type   'polypeptide(L)'
_entity_poly.pdbx_seq_one_letter_code
;MSAVEISPDVLVYKSPLTEQSTEYASISNNSDQTIAFKVKTTAPKFYCVRPNAAVVAPGETIQVQVIFLGLTEEPAADFK
CRDKFLVITLPSPYDLNGKAVADVWSDLEAEFKQQAISKKIKVKYL
;
_entity_poly.pdbx_strand_id   A
#
loop_
_chem_comp.id
_chem_comp.type
_chem_comp.name
_chem_comp.formula
EDT non-polymer '{[-(BIS-CARBOXYMETHYL-AMINO)-ETHYL]-CARBOXYMETHYL-AMINO}-ACETIC ACID' 'C10 H16 N2 O8'
#
# COMPACT_ATOMS: atom_id res chain seq x y z
N MET A 1 2.70 -4.41 19.12
CA MET A 1 3.59 -5.53 19.41
C MET A 1 3.91 -6.30 18.14
N SER A 2 3.19 -6.00 17.07
CA SER A 2 3.40 -6.67 15.80
C SER A 2 4.68 -6.15 15.15
N ALA A 3 5.52 -7.08 14.67
CA ALA A 3 6.77 -6.73 14.00
C ALA A 3 6.52 -6.73 12.50
N VAL A 4 5.84 -5.68 12.04
CA VAL A 4 5.47 -5.51 10.65
C VAL A 4 6.31 -4.37 10.07
N GLU A 5 6.89 -4.60 8.90
CA GLU A 5 7.71 -3.60 8.22
C GLU A 5 7.03 -3.19 6.92
N ILE A 6 6.83 -1.89 6.74
CA ILE A 6 6.25 -1.33 5.53
C ILE A 6 7.27 -0.38 4.91
N SER A 7 7.54 -0.58 3.63
CA SER A 7 8.56 0.21 2.94
C SER A 7 8.08 0.46 1.51
N PRO A 8 8.60 1.49 0.83
CA PRO A 8 9.54 2.51 1.30
C PRO A 8 8.83 3.73 1.87
N ASP A 9 9.59 4.73 2.31
CA ASP A 9 8.99 5.98 2.77
C ASP A 9 8.45 6.82 1.63
N VAL A 10 9.15 6.83 0.50
CA VAL A 10 8.77 7.62 -0.67
C VAL A 10 8.93 6.78 -1.92
N LEU A 11 7.90 6.74 -2.76
CA LEU A 11 7.97 6.14 -4.07
C LEU A 11 8.40 7.21 -5.08
N VAL A 12 9.40 6.89 -5.90
CA VAL A 12 10.00 7.86 -6.81
C VAL A 12 9.73 7.40 -8.24
N TYR A 13 8.94 8.17 -8.97
CA TYR A 13 8.68 7.93 -10.39
C TYR A 13 9.54 8.89 -11.21
N LYS A 14 10.26 8.34 -12.17
CA LYS A 14 11.23 9.09 -12.94
C LYS A 14 10.67 9.50 -14.31
N SER A 15 11.22 10.57 -14.84
CA SER A 15 10.78 11.08 -16.13
C SER A 15 11.14 10.10 -17.24
N PRO A 16 10.35 10.04 -18.32
CA PRO A 16 9.17 10.87 -18.61
C PRO A 16 7.94 10.46 -17.83
N LEU A 17 7.22 11.46 -17.29
CA LEU A 17 6.03 11.20 -16.50
C LEU A 17 4.76 11.11 -17.34
N THR A 18 4.88 11.24 -18.66
CA THR A 18 3.78 10.95 -19.58
C THR A 18 3.72 9.49 -19.96
N GLU A 19 4.61 8.66 -19.42
CA GLU A 19 4.68 7.24 -19.72
C GLU A 19 4.35 6.45 -18.47
N GLN A 20 3.72 5.30 -18.66
CA GLN A 20 3.40 4.42 -17.53
C GLN A 20 4.68 3.91 -16.89
N SER A 21 4.66 3.79 -15.57
CA SER A 21 5.83 3.26 -14.88
C SER A 21 5.39 2.64 -13.56
N THR A 22 6.07 1.57 -13.18
CA THR A 22 5.72 0.85 -11.96
C THR A 22 6.82 1.02 -10.92
N GLU A 23 6.42 1.44 -9.73
CA GLU A 23 7.27 1.34 -8.55
C GLU A 23 6.69 0.27 -7.63
N TYR A 24 7.42 -0.04 -6.56
CA TYR A 24 7.04 -1.16 -5.71
C TYR A 24 7.17 -0.81 -4.24
N ALA A 25 6.16 -1.20 -3.47
CA ALA A 25 6.21 -1.17 -2.02
C ALA A 25 6.30 -2.60 -1.50
N SER A 26 6.52 -2.74 -0.20
CA SER A 26 6.70 -4.03 0.44
C SER A 26 6.11 -4.01 1.83
N ILE A 27 5.46 -5.12 2.20
CA ILE A 27 4.98 -5.36 3.55
C ILE A 27 5.51 -6.70 4.00
N SER A 28 6.28 -6.71 5.09
CA SER A 28 6.91 -7.90 5.63
C SER A 28 6.34 -8.18 7.02
N ASN A 29 5.87 -9.41 7.22
CA ASN A 29 5.31 -9.85 8.50
C ASN A 29 6.38 -10.66 9.22
N ASN A 30 7.07 -10.03 10.16
CA ASN A 30 8.07 -10.69 10.96
C ASN A 30 7.52 -11.20 12.28
N SER A 31 6.21 -11.08 12.49
CA SER A 31 5.56 -11.59 13.69
C SER A 31 5.20 -13.07 13.49
N ASP A 32 4.63 -13.66 14.54
CA ASP A 32 4.21 -15.06 14.50
C ASP A 32 2.75 -15.24 14.13
N GLN A 33 2.04 -14.16 13.80
CA GLN A 33 0.63 -14.22 13.48
C GLN A 33 0.39 -13.59 12.11
N THR A 34 -0.51 -14.20 11.35
CA THR A 34 -0.86 -13.68 10.03
C THR A 34 -1.51 -12.30 10.18
N ILE A 35 -1.15 -11.39 9.27
CA ILE A 35 -1.73 -10.06 9.27
C ILE A 35 -2.47 -9.84 7.97
N ALA A 36 -3.23 -8.75 7.91
CA ALA A 36 -3.88 -8.29 6.70
C ALA A 36 -3.60 -6.82 6.50
N PHE A 37 -3.37 -6.42 5.24
CA PHE A 37 -3.06 -5.04 4.93
C PHE A 37 -3.98 -4.55 3.82
N LYS A 38 -4.19 -3.23 3.84
CA LYS A 38 -4.93 -2.53 2.79
C LYS A 38 -4.19 -1.25 2.43
N VAL A 39 -4.18 -0.93 1.14
CA VAL A 39 -3.52 0.26 0.62
C VAL A 39 -4.59 1.19 0.06
N LYS A 40 -4.64 2.41 0.60
CA LYS A 40 -5.53 3.45 0.10
C LYS A 40 -4.73 4.47 -0.70
N THR A 41 -5.28 4.83 -1.86
CA THR A 41 -4.64 5.75 -2.79
C THR A 41 -5.36 7.10 -2.77
N THR A 42 -4.60 8.18 -2.60
CA THR A 42 -5.21 9.50 -2.59
C THR A 42 -5.57 10.00 -3.99
N ALA A 43 -4.94 9.45 -5.03
CA ALA A 43 -5.21 9.85 -6.41
C ALA A 43 -5.44 8.61 -7.28
N PRO A 44 -6.57 7.92 -7.08
CA PRO A 44 -6.79 6.66 -7.82
C PRO A 44 -6.88 6.84 -9.33
N LYS A 45 -7.19 8.05 -9.81
CA LYS A 45 -7.25 8.28 -11.24
C LYS A 45 -5.90 8.10 -11.92
N PHE A 46 -4.80 8.20 -11.18
CA PHE A 46 -3.48 8.18 -11.77
C PHE A 46 -2.64 6.96 -11.36
N TYR A 47 -3.10 6.16 -10.42
CA TYR A 47 -2.34 5.01 -9.96
C TYR A 47 -3.23 3.79 -9.85
N CYS A 48 -2.66 2.63 -10.14
CA CYS A 48 -3.28 1.33 -9.89
C CYS A 48 -2.43 0.56 -8.89
N VAL A 49 -3.05 0.01 -7.86
CA VAL A 49 -2.34 -0.69 -6.79
C VAL A 49 -2.72 -2.15 -6.83
N ARG A 50 -1.71 -3.03 -6.86
CA ARG A 50 -1.98 -4.46 -6.87
C ARG A 50 -1.00 -5.22 -6.00
N PRO A 51 -1.47 -5.95 -4.98
CA PRO A 51 -2.85 -6.02 -4.52
C PRO A 51 -3.19 -4.87 -3.57
N ASN A 52 -4.41 -4.35 -3.61
CA ASN A 52 -4.79 -3.28 -2.71
C ASN A 52 -5.08 -3.77 -1.29
N ALA A 53 -5.25 -5.06 -1.10
CA ALA A 53 -5.52 -5.64 0.22
C ALA A 53 -5.25 -7.13 0.15
N ALA A 54 -4.53 -7.63 1.14
CA ALA A 54 -4.15 -9.04 1.13
C ALA A 54 -3.67 -9.45 2.51
N VAL A 55 -3.54 -10.76 2.71
CA VAL A 55 -3.02 -11.32 3.94
C VAL A 55 -1.53 -11.61 3.75
N VAL A 56 -0.78 -11.49 4.85
CA VAL A 56 0.64 -11.80 4.89
C VAL A 56 0.86 -12.83 5.98
N ALA A 57 1.41 -13.98 5.62
CA ALA A 57 1.70 -15.03 6.56
C ALA A 57 2.94 -14.68 7.38
N PRO A 58 3.13 -15.33 8.53
CA PRO A 58 4.37 -15.12 9.29
C PRO A 58 5.60 -15.41 8.44
N GLY A 59 6.57 -14.51 8.50
CA GLY A 59 7.79 -14.64 7.73
C GLY A 59 7.66 -14.35 6.25
N GLU A 60 6.49 -13.97 5.77
CA GLU A 60 6.27 -13.70 4.35
C GLU A 60 6.38 -12.21 4.07
N THR A 61 6.82 -11.89 2.86
CA THR A 61 6.86 -10.52 2.36
C THR A 61 6.04 -10.43 1.09
N ILE A 62 5.16 -9.44 1.03
CA ILE A 62 4.33 -9.19 -0.13
C ILE A 62 4.80 -7.88 -0.77
N GLN A 63 5.17 -7.95 -2.04
CA GLN A 63 5.50 -6.77 -2.82
C GLN A 63 4.24 -6.28 -3.53
N VAL A 64 3.99 -4.97 -3.42
CA VAL A 64 2.82 -4.34 -3.99
C VAL A 64 3.28 -3.47 -5.16
N GLN A 65 2.71 -3.74 -6.34
CA GLN A 65 2.96 -2.90 -7.50
C GLN A 65 2.12 -1.64 -7.41
N VAL A 66 2.76 -0.48 -7.55
CA VAL A 66 2.09 0.81 -7.64
C VAL A 66 2.40 1.31 -9.04
N ILE A 67 1.41 1.22 -9.93
CA ILE A 67 1.58 1.53 -11.34
C ILE A 67 1.06 2.94 -11.57
N PHE A 68 1.97 3.86 -11.87
CA PHE A 68 1.62 5.20 -12.31
C PHE A 68 1.23 5.15 -13.78
N LEU A 69 0.04 5.67 -14.09
CA LEU A 69 -0.53 5.63 -15.42
C LEU A 69 -0.11 6.81 -16.29
N GLY A 70 0.66 7.73 -15.76
CA GLY A 70 1.18 8.85 -16.52
C GLY A 70 0.28 10.07 -16.46
N LEU A 71 0.83 11.19 -16.92
CA LEU A 71 0.10 12.44 -17.02
C LEU A 71 0.02 12.86 -18.48
N THR A 72 -0.93 13.78 -18.75
CA THR A 72 -1.11 14.27 -20.10
C THR A 72 0.09 15.07 -20.60
N GLU A 73 0.80 15.74 -19.71
CA GLU A 73 1.97 16.52 -20.09
C GLU A 73 2.99 16.47 -18.96
N GLU A 74 4.24 16.66 -19.31
CA GLU A 74 5.30 16.68 -18.30
C GLU A 74 5.08 17.89 -17.38
N PRO A 75 5.28 17.72 -16.08
CA PRO A 75 5.05 18.82 -15.13
C PRO A 75 6.31 19.64 -14.91
N ALA A 76 6.14 20.74 -14.17
CA ALA A 76 7.25 21.61 -13.87
C ALA A 76 8.24 20.90 -12.96
N ALA A 77 9.51 21.30 -13.06
CA ALA A 77 10.54 20.74 -12.19
C ALA A 77 10.31 21.10 -10.73
N ASP A 78 9.81 22.31 -10.48
CA ASP A 78 9.53 22.74 -9.11
C ASP A 78 8.25 22.13 -8.55
N PHE A 79 7.40 21.56 -9.41
CA PHE A 79 6.16 20.97 -8.95
C PHE A 79 6.43 19.85 -7.96
N LYS A 80 5.69 19.87 -6.85
CA LYS A 80 5.84 18.89 -5.77
C LYS A 80 4.58 18.02 -5.74
N CYS A 81 4.74 16.75 -6.10
CA CYS A 81 3.62 15.83 -6.08
C CYS A 81 3.12 15.65 -4.64
N ARG A 82 1.80 15.75 -4.47
CA ARG A 82 1.18 15.62 -3.17
C ARG A 82 0.47 14.28 -2.98
N ASP A 83 0.54 13.39 -3.97
CA ASP A 83 -0.12 12.10 -3.86
C ASP A 83 0.53 11.24 -2.78
N LYS A 84 -0.31 10.47 -2.10
CA LYS A 84 0.15 9.65 -0.98
C LYS A 84 -0.53 8.30 -1.06
N PHE A 85 0.01 7.34 -0.30
CA PHE A 85 -0.58 6.02 -0.16
C PHE A 85 -0.56 5.64 1.31
N LEU A 86 -1.72 5.30 1.86
CA LEU A 86 -1.82 4.88 3.25
C LEU A 86 -1.85 3.36 3.28
N VAL A 87 -0.83 2.76 3.88
CA VAL A 87 -0.78 1.33 4.09
C VAL A 87 -1.17 1.05 5.53
N ILE A 88 -2.24 0.28 5.72
CA ILE A 88 -2.73 -0.05 7.05
C ILE A 88 -2.63 -1.55 7.23
N THR A 89 -2.10 -1.97 8.37
CA THR A 89 -1.97 -3.39 8.71
C THR A 89 -2.70 -3.69 10.01
N LEU A 90 -3.32 -4.86 10.05
CA LEU A 90 -4.21 -5.32 11.11
C LEU A 90 -3.89 -6.79 11.36
N PRO A 91 -4.19 -7.30 12.56
CA PRO A 91 -4.17 -8.75 12.74
C PRO A 91 -5.33 -9.39 12.00
N SER A 92 -5.08 -10.59 11.47
CA SER A 92 -6.10 -11.36 10.75
C SER A 92 -6.11 -12.78 11.29
N PRO A 93 -6.64 -12.97 12.51
CA PRO A 93 -6.59 -14.29 13.14
C PRO A 93 -7.74 -15.21 12.76
N TYR A 94 -8.73 -14.72 12.00
CA TYR A 94 -9.89 -15.50 11.63
C TYR A 94 -9.78 -15.97 10.19
N ASP A 95 -10.17 -17.21 9.95
CA ASP A 95 -10.21 -17.74 8.59
C ASP A 95 -11.18 -16.93 7.75
N LEU A 96 -10.76 -16.58 6.53
CA LEU A 96 -11.58 -15.76 5.66
C LEU A 96 -12.80 -16.49 5.13
N ASN A 97 -12.81 -17.82 5.19
CA ASN A 97 -13.93 -18.64 4.69
C ASN A 97 -14.22 -18.33 3.23
N GLY A 98 -13.16 -18.13 2.45
CA GLY A 98 -13.28 -17.87 1.03
C GLY A 98 -13.51 -16.42 0.65
N LYS A 99 -13.89 -15.57 1.60
CA LYS A 99 -14.11 -14.16 1.31
C LYS A 99 -12.77 -13.45 1.12
N ALA A 100 -12.81 -12.33 0.41
CA ALA A 100 -11.62 -11.54 0.15
C ALA A 100 -11.31 -10.64 1.35
N VAL A 101 -10.09 -10.09 1.35
CA VAL A 101 -9.66 -9.25 2.46
C VAL A 101 -10.51 -7.99 2.53
N ALA A 102 -10.82 -7.40 1.36
CA ALA A 102 -11.66 -6.20 1.34
C ALA A 102 -13.04 -6.49 1.92
N ASP A 103 -13.58 -7.68 1.65
CA ASP A 103 -14.91 -8.01 2.13
C ASP A 103 -14.98 -8.04 3.64
N VAL A 104 -13.88 -8.39 4.31
CA VAL A 104 -13.86 -8.48 5.76
C VAL A 104 -13.21 -7.26 6.42
N TRP A 105 -12.60 -6.38 5.62
CA TRP A 105 -11.79 -5.31 6.19
C TRP A 105 -12.61 -4.38 7.09
N SER A 106 -13.86 -4.15 6.74
CA SER A 106 -14.68 -3.26 7.57
C SER A 106 -14.78 -3.78 9.00
N ASP A 107 -15.12 -5.06 9.15
CA ASP A 107 -15.21 -5.66 10.48
C ASP A 107 -13.85 -5.75 11.15
N LEU A 108 -12.81 -6.13 10.38
CA LEU A 108 -11.47 -6.22 10.95
C LEU A 108 -11.00 -4.87 11.48
N GLU A 109 -11.28 -3.81 10.73
CA GLU A 109 -10.96 -2.46 11.17
C GLU A 109 -11.73 -2.09 12.42
N ALA A 110 -13.05 -2.30 12.40
CA ALA A 110 -13.87 -1.99 13.56
C ALA A 110 -13.39 -2.74 14.80
N GLU A 111 -12.74 -3.88 14.61
CA GLU A 111 -12.23 -4.62 15.76
C GLU A 111 -10.87 -4.11 16.21
N PHE A 112 -9.91 -3.98 15.29
CA PHE A 112 -8.51 -3.80 15.65
C PHE A 112 -7.92 -2.46 15.20
N LYS A 113 -8.75 -1.44 14.98
CA LYS A 113 -8.21 -0.15 14.53
C LYS A 113 -7.22 0.42 15.53
N GLN A 114 -7.44 0.20 16.82
CA GLN A 114 -6.52 0.74 17.83
C GLN A 114 -5.15 0.07 17.75
N GLN A 115 -5.10 -1.19 17.29
CA GLN A 115 -3.85 -1.92 17.14
C GLN A 115 -3.31 -1.89 15.72
N ALA A 116 -3.91 -1.09 14.84
CA ALA A 116 -3.44 -1.00 13.47
C ALA A 116 -2.05 -0.37 13.41
N ILE A 117 -1.21 -0.88 12.52
CA ILE A 117 0.08 -0.27 12.22
C ILE A 117 -0.02 0.39 10.85
N SER A 118 0.17 1.69 10.81
CA SER A 118 -0.06 2.47 9.60
C SER A 118 1.23 3.11 9.12
N LYS A 119 1.31 3.35 7.81
CA LYS A 119 2.41 4.09 7.23
C LYS A 119 1.93 4.89 6.04
N LYS A 120 2.33 6.16 5.98
CA LYS A 120 2.00 7.03 4.86
C LYS A 120 3.22 7.10 3.93
N ILE A 121 3.08 6.53 2.74
CA ILE A 121 4.14 6.56 1.74
C ILE A 121 3.89 7.75 0.82
N LYS A 122 4.91 8.58 0.66
CA LYS A 122 4.82 9.77 -0.17
C LYS A 122 5.25 9.46 -1.60
N VAL A 123 4.95 10.39 -2.49
CA VAL A 123 5.31 10.27 -3.90
C VAL A 123 6.04 11.54 -4.33
N LYS A 124 7.16 11.36 -5.00
CA LYS A 124 7.89 12.48 -5.60
C LYS A 124 8.17 12.16 -7.06
N TYR A 125 8.20 13.20 -7.87
CA TYR A 125 8.47 13.07 -9.29
C TYR A 125 9.92 13.41 -9.59
N LEU A 126 10.46 12.79 -10.63
CA LEU A 126 11.85 13.00 -10.99
C LEU A 126 12.00 13.10 -12.51
O20 EDT B . 17.41 5.83 -9.64
C5 EDT B . 16.82 4.91 -10.23
O19 EDT B . 17.17 4.40 -11.31
C4 EDT B . 15.54 4.39 -9.61
N3 EDT B . 15.64 3.79 -8.28
C2 EDT B . 15.88 4.75 -7.21
C1 EDT B . 14.57 5.19 -6.58
O18 EDT B . 13.71 4.31 -6.37
O17 EDT B . 14.45 6.40 -6.32
C6 EDT B . 16.53 2.62 -8.23
C7 EDT B . 16.19 1.69 -7.10
N8 EDT B . 14.96 0.93 -7.32
C9 EDT B . 14.97 -0.35 -6.61
C10 EDT B . 14.89 -0.17 -5.10
O16 EDT B . 15.76 -0.71 -4.42
O15 EDT B . 13.94 0.49 -4.67
C11 EDT B . 14.61 0.80 -8.73
C12 EDT B . 13.24 1.40 -9.03
O13 EDT B . 12.43 0.67 -9.61
O14 EDT B . 13.05 2.58 -8.68
#